data_3A2H
#
_entry.id   3A2H
#
_cell.length_a   124.809
_cell.length_b   45.349
_cell.length_c   46.662
_cell.angle_alpha   90.00
_cell.angle_beta   100.13
_cell.angle_gamma   90.00
#
_symmetry.space_group_name_H-M   'C 1 2 1'
#
loop_
_entity.id
_entity.type
_entity.pdbx_description
1 polymer 'Vitamin D3 receptor'
2 polymer 'Mediator of RNA polymerase II transcription subunit 1 peptide'
3 non-polymer (1S,3R,5Z,7E,20S,23S)-1,3-dihydroxy-23,26-epoxy-9,10-secocholesta-5,7,10,25(27)-tetraen-26-one
4 water water
#
loop_
_entity_poly.entity_id
_entity_poly.type
_entity_poly.pdbx_seq_one_letter_code
_entity_poly.pdbx_strand_id
1 'polypeptide(L)'
;GSHMLKDSLRPKLSEEQQHIIAILLDAHHKTYDPTYADFRDFRPPVRMDGSTGSVTLDLSPLSMLPHLADLVSYSIQKVI
GFAKMIPGFRDLTSDDQIVLLKSSAIEVIMLRSNQSFTMDDMSWDCGSQDYKYDVTDVSKAGHTLELIEPLIKFQVGLKK
LNLHEEEHVLLMAICIVSPDRPGVQDAKLVEAIQDRLSNTLQTYIRCRHPPPGSHQLYAKMIQKLADLRSLNEEHSKQYR
SLSFQPENSMKLTPLVLEVFGNEIS
;
A
2 'polypeptide(L)' KNHPMLMNLLKDN B
#
loop_
_chem_comp.id
_chem_comp.type
_chem_comp.name
_chem_comp.formula
TEJ non-polymer (1S,3R,5Z,7E,20S,23S)-1,3-dihydroxy-23,26-epoxy-9,10-secocholesta-5,7,10,25(27)-tetraen-26-one 'C27 H38 O4'
#
# COMPACT_ATOMS: atom_id res chain seq x y z
N LYS A 12 8.02 27.48 3.82
CA LYS A 12 6.68 27.76 3.21
C LYS A 12 6.44 26.94 1.95
N LEU A 13 5.25 26.36 1.85
CA LEU A 13 4.85 25.60 0.65
C LEU A 13 4.59 26.54 -0.54
N SER A 14 5.12 26.18 -1.70
CA SER A 14 4.81 26.89 -2.95
C SER A 14 3.43 26.49 -3.44
N GLU A 15 2.88 27.29 -4.36
CA GLU A 15 1.56 26.98 -4.96
C GLU A 15 1.60 25.57 -5.55
N GLU A 16 2.66 25.29 -6.30
CA GLU A 16 2.90 24.02 -6.96
C GLU A 16 2.81 22.86 -5.97
N GLN A 17 3.47 23.03 -4.82
CA GLN A 17 3.48 21.99 -3.78
C GLN A 17 2.10 21.79 -3.17
N GLN A 18 1.38 22.88 -2.98
CA GLN A 18 -0.02 22.82 -2.55
C GLN A 18 -0.88 22.08 -3.57
N HIS A 19 -0.63 22.34 -4.86
CA HIS A 19 -1.29 21.67 -5.98
C HIS A 19 -1.10 20.14 -5.92
N ILE A 20 0.12 19.71 -5.63
CA ILE A 20 0.45 18.30 -5.50
C ILE A 20 -0.34 17.62 -4.39
N ILE A 21 -0.45 18.29 -3.24
CA ILE A 21 -1.15 17.72 -2.07
C ILE A 21 -2.65 17.57 -2.32
N ALA A 22 -3.29 18.66 -2.74
CA ALA A 22 -4.70 18.66 -3.14
C ALA A 22 -5.06 17.50 -4.09
N ILE A 23 -4.22 17.27 -5.08
CA ILE A 23 -4.38 16.19 -6.06
C ILE A 23 -4.33 14.82 -5.36
N LEU A 24 -3.33 14.63 -4.50
CA LEU A 24 -3.14 13.34 -3.83
C LEU A 24 -4.26 12.99 -2.85
N LEU A 25 -4.74 14.00 -2.11
CA LEU A 25 -5.89 13.85 -1.21
C LEU A 25 -7.17 13.51 -2.00
N ASP A 26 -7.33 14.12 -3.16
CA ASP A 26 -8.48 13.83 -4.00
C ASP A 26 -8.36 12.42 -4.60
N ALA A 27 -7.15 12.06 -5.01
CA ALA A 27 -6.84 10.73 -5.57
C ALA A 27 -7.13 9.61 -4.58
N HIS A 28 -6.71 9.82 -3.34
CA HIS A 28 -6.90 8.85 -2.27
C HIS A 28 -8.37 8.74 -1.89
N HIS A 29 -9.02 9.91 -1.74
CA HIS A 29 -10.44 9.97 -1.41
C HIS A 29 -11.34 9.40 -2.49
N LYS A 30 -10.89 9.45 -3.74
CA LYS A 30 -11.57 8.74 -4.83
C LYS A 30 -11.39 7.22 -4.71
N THR A 31 -10.32 6.76 -4.07
CA THR A 31 -9.91 5.35 -4.15
C THR A 31 -9.90 4.62 -2.82
N TYR A 32 -10.28 5.32 -1.75
CA TYR A 32 -10.42 4.67 -0.45
C TYR A 32 -11.78 4.97 0.11
N ASP A 33 -12.60 3.92 0.22
CA ASP A 33 -13.95 4.03 0.73
C ASP A 33 -14.01 3.60 2.20
N PRO A 34 -14.07 4.58 3.14
CA PRO A 34 -14.12 4.27 4.59
C PRO A 34 -15.47 3.72 5.11
N THR A 35 -16.48 3.57 4.25
CA THR A 35 -17.70 2.84 4.64
C THR A 35 -17.56 1.36 4.31
N TYR A 36 -16.50 1.04 3.53
CA TYR A 36 -16.15 -0.32 3.11
C TYR A 36 -17.29 -1.08 2.43
N ALA A 37 -18.15 -0.33 1.73
CA ALA A 37 -19.40 -0.84 1.16
C ALA A 37 -19.27 -1.97 0.14
N ASP A 38 -18.11 -2.04 -0.53
CA ASP A 38 -17.91 -2.99 -1.62
C ASP A 38 -17.57 -4.41 -1.13
N PHE A 39 -17.27 -4.53 0.17
CA PHE A 39 -16.72 -5.75 0.76
C PHE A 39 -17.73 -6.88 0.72
N ARG A 40 -18.99 -6.47 0.68
CA ARG A 40 -20.17 -7.29 0.39
C ARG A 40 -19.93 -8.25 -0.80
N ASP A 41 -19.20 -7.77 -1.81
CA ASP A 41 -18.97 -8.48 -3.08
C ASP A 41 -17.98 -9.66 -3.01
N PHE A 42 -17.16 -9.69 -1.96
CA PHE A 42 -16.09 -10.66 -1.86
C PHE A 42 -16.65 -12.03 -1.50
N ARG A 43 -15.94 -13.09 -1.92
CA ARG A 43 -16.21 -14.41 -1.39
C ARG A 43 -16.29 -14.27 0.13
N PRO A 44 -17.23 -14.98 0.79
CA PRO A 44 -17.42 -14.72 2.21
C PRO A 44 -16.23 -15.20 3.07
N PRO A 45 -15.99 -14.51 4.20
CA PRO A 45 -14.97 -14.97 5.15
C PRO A 45 -15.46 -16.16 6.00
N VAL A 46 -14.57 -17.13 6.23
CA VAL A 46 -14.90 -18.25 7.11
C VAL A 46 -13.91 -18.33 8.28
N ARG A 47 -14.44 -18.09 9.47
CA ARG A 47 -13.72 -18.25 10.72
C ARG A 47 -14.35 -19.40 11.52
N PRO A 61 -8.15 -23.94 7.85
CA PRO A 61 -6.69 -23.86 7.72
C PRO A 61 -6.32 -22.79 6.69
N LEU A 62 -7.01 -22.81 5.55
CA LEU A 62 -6.87 -21.81 4.52
C LEU A 62 -8.25 -21.28 4.16
N SER A 63 -9.10 -21.22 5.17
CA SER A 63 -10.51 -20.86 4.99
C SER A 63 -10.71 -19.37 4.73
N MET A 64 -9.76 -18.54 5.13
CA MET A 64 -9.81 -17.08 4.87
C MET A 64 -9.15 -16.68 3.55
N LEU A 65 -8.51 -17.63 2.87
CA LEU A 65 -7.82 -17.35 1.60
C LEU A 65 -8.68 -16.72 0.47
N PRO A 66 -9.87 -17.30 0.15
CA PRO A 66 -10.69 -16.65 -0.88
C PRO A 66 -11.11 -15.22 -0.53
N HIS A 67 -11.50 -14.97 0.71
CA HIS A 67 -11.95 -13.63 1.11
C HIS A 67 -10.81 -12.62 1.09
N LEU A 68 -9.67 -13.00 1.65
CA LEU A 68 -8.52 -12.10 1.71
C LEU A 68 -7.84 -11.86 0.36
N ALA A 69 -7.88 -12.86 -0.52
CA ALA A 69 -7.46 -12.68 -1.91
C ALA A 69 -8.34 -11.63 -2.61
N ASP A 70 -9.65 -11.76 -2.45
CA ASP A 70 -10.61 -10.78 -2.98
C ASP A 70 -10.36 -9.35 -2.47
N LEU A 71 -10.05 -9.23 -1.19
CA LEU A 71 -9.78 -7.95 -0.54
C LEU A 71 -8.52 -7.31 -1.10
N VAL A 72 -7.45 -8.10 -1.16
CA VAL A 72 -6.18 -7.67 -1.77
C VAL A 72 -6.29 -7.28 -3.25
N SER A 73 -6.97 -8.11 -4.04
CA SER A 73 -7.20 -7.86 -5.48
C SER A 73 -7.95 -6.55 -5.75
N TYR A 74 -8.98 -6.30 -4.95
CA TYR A 74 -9.71 -5.04 -4.94
C TYR A 74 -8.74 -3.88 -4.60
N SER A 75 -7.93 -4.07 -3.57
CA SER A 75 -7.00 -3.04 -3.09
C SER A 75 -5.91 -2.72 -4.11
N ILE A 76 -5.40 -3.75 -4.81
CA ILE A 76 -4.52 -3.51 -5.96
C ILE A 76 -5.17 -2.54 -6.96
N GLN A 77 -6.44 -2.79 -7.30
CA GLN A 77 -7.19 -1.94 -8.22
C GLN A 77 -7.23 -0.50 -7.73
N LYS A 78 -7.45 -0.34 -6.42
CA LYS A 78 -7.55 0.98 -5.86
C LYS A 78 -6.21 1.67 -5.88
N VAL A 79 -5.15 0.93 -5.57
CA VAL A 79 -3.77 1.43 -5.61
C VAL A 79 -3.39 1.91 -7.01
N ILE A 80 -3.71 1.12 -8.04
CA ILE A 80 -3.49 1.54 -9.44
C ILE A 80 -4.19 2.87 -9.77
N GLY A 81 -5.43 3.00 -9.31
CA GLY A 81 -6.21 4.22 -9.50
C GLY A 81 -5.54 5.44 -8.86
N PHE A 82 -5.03 5.23 -7.65
CA PHE A 82 -4.33 6.28 -6.91
C PHE A 82 -3.08 6.64 -7.67
N ALA A 83 -2.26 5.62 -7.94
CA ALA A 83 -0.99 5.79 -8.64
C ALA A 83 -1.16 6.61 -9.91
N LYS A 84 -2.23 6.32 -10.68
CA LYS A 84 -2.52 7.08 -11.90
C LYS A 84 -2.63 8.59 -11.70
N MET A 85 -3.20 9.01 -10.57
CA MET A 85 -3.39 10.42 -10.27
C MET A 85 -2.13 11.14 -9.77
N ILE A 86 -1.07 10.39 -9.42
CA ILE A 86 0.17 11.02 -8.92
C ILE A 86 0.80 11.89 -10.01
N PRO A 87 1.06 13.18 -9.70
CA PRO A 87 1.66 14.07 -10.71
C PRO A 87 2.98 13.53 -11.26
N GLY A 88 2.97 13.23 -12.56
CA GLY A 88 4.13 12.72 -13.27
C GLY A 88 4.01 11.26 -13.63
N PHE A 89 3.32 10.48 -12.79
CA PHE A 89 3.24 9.02 -12.97
C PHE A 89 2.75 8.61 -14.36
N ARG A 90 1.71 9.27 -14.86
CA ARG A 90 1.13 8.90 -16.16
C ARG A 90 2.09 9.12 -17.34
N ASP A 91 3.09 9.98 -17.13
CA ASP A 91 4.05 10.37 -18.16
C ASP A 91 5.24 9.43 -18.30
N LEU A 92 5.32 8.46 -17.38
CA LEU A 92 6.31 7.40 -17.47
C LEU A 92 5.92 6.43 -18.58
N THR A 93 6.93 5.74 -19.11
CA THR A 93 6.70 4.65 -20.06
C THR A 93 5.82 3.60 -19.41
N SER A 94 5.00 2.95 -20.23
CA SER A 94 4.10 1.90 -19.77
C SER A 94 4.80 0.80 -18.97
N ASP A 95 5.99 0.39 -19.43
CA ASP A 95 6.76 -0.66 -18.79
C ASP A 95 7.20 -0.24 -17.39
N ASP A 96 7.62 1.01 -17.25
CA ASP A 96 8.04 1.52 -15.95
C ASP A 96 6.88 1.64 -14.99
N GLN A 97 5.72 2.05 -15.50
CA GLN A 97 4.50 2.04 -14.69
C GLN A 97 4.25 0.65 -14.09
N ILE A 98 4.25 -0.39 -14.94
CA ILE A 98 3.99 -1.77 -14.51
C ILE A 98 4.99 -2.24 -13.43
N VAL A 99 6.28 -1.99 -13.68
CA VAL A 99 7.35 -2.36 -12.73
C VAL A 99 7.16 -1.70 -11.36
N LEU A 100 6.79 -0.42 -11.36
CA LEU A 100 6.61 0.33 -10.10
C LEU A 100 5.43 -0.19 -9.30
N LEU A 101 4.34 -0.49 -9.99
CA LEU A 101 3.15 -1.03 -9.37
C LEU A 101 3.31 -2.49 -8.90
N LYS A 102 3.97 -3.35 -9.67
CA LYS A 102 4.18 -4.76 -9.28
C LYS A 102 5.02 -4.87 -8.01
N SER A 103 6.04 -4.03 -7.89
CA SER A 103 6.93 -4.07 -6.74
C SER A 103 6.37 -3.35 -5.52
N SER A 104 5.50 -2.37 -5.74
CA SER A 104 5.01 -1.50 -4.67
C SER A 104 3.64 -1.90 -4.14
N ALA A 105 2.87 -2.61 -4.95
CA ALA A 105 1.45 -2.87 -4.65
C ALA A 105 1.20 -3.34 -3.21
N ILE A 106 1.89 -4.39 -2.77
CA ILE A 106 1.67 -4.95 -1.42
C ILE A 106 2.05 -3.92 -0.33
N GLU A 107 3.12 -3.16 -0.57
CA GLU A 107 3.63 -2.16 0.37
C GLU A 107 2.61 -1.04 0.59
N VAL A 108 1.94 -0.63 -0.49
CA VAL A 108 0.88 0.38 -0.38
C VAL A 108 -0.39 -0.21 0.25
N ILE A 109 -0.67 -1.49 -0.02
CA ILE A 109 -1.78 -2.15 0.69
C ILE A 109 -1.52 -2.07 2.19
N MET A 110 -0.28 -2.33 2.58
CA MET A 110 0.09 -2.29 3.99
C MET A 110 0.05 -0.87 4.56
N LEU A 111 0.48 0.13 3.79
CA LEU A 111 0.35 1.54 4.18
C LEU A 111 -1.10 2.00 4.30
N ARG A 112 -1.90 1.68 3.28
CA ARG A 112 -3.30 2.13 3.21
C ARG A 112 -4.18 1.47 4.27
N SER A 113 -3.83 0.25 4.67
CA SER A 113 -4.62 -0.50 5.66
C SER A 113 -4.49 0.06 7.08
N ASN A 114 -3.47 0.89 7.31
CA ASN A 114 -3.23 1.50 8.62
C ASN A 114 -4.42 2.37 9.03
N GLN A 115 -5.17 2.81 8.03
CA GLN A 115 -6.35 3.62 8.27
C GLN A 115 -7.52 2.80 8.86
N SER A 116 -7.55 1.50 8.61
CA SER A 116 -8.52 0.62 9.28
C SER A 116 -7.90 -0.10 10.48
N PHE A 117 -6.57 -0.01 10.63
CA PHE A 117 -5.88 -0.65 11.74
C PHE A 117 -6.20 -0.01 13.09
N THR A 118 -6.49 -0.86 14.07
CA THR A 118 -6.76 -0.40 15.44
C THR A 118 -5.82 -1.02 16.48
N MET A 119 -5.37 -0.22 17.44
CA MET A 119 -4.38 -0.67 18.43
C MET A 119 -5.00 -1.26 19.67
N ASP A 120 -6.33 -1.27 19.72
CA ASP A 120 -7.05 -1.86 20.84
C ASP A 120 -6.90 -3.37 20.89
N ASP A 121 -7.03 -4.04 19.74
CA ASP A 121 -6.85 -5.48 19.69
C ASP A 121 -5.95 -5.96 18.56
N MET A 122 -5.24 -5.02 17.93
CA MET A 122 -4.27 -5.31 16.86
C MET A 122 -4.95 -5.89 15.63
N SER A 123 -5.96 -5.22 15.15
CA SER A 123 -6.74 -5.73 14.03
C SER A 123 -7.12 -4.62 13.08
N TRP A 124 -7.58 -5.03 11.89
CA TRP A 124 -8.07 -4.10 10.90
C TRP A 124 -9.57 -4.13 10.94
N ASP A 125 -10.16 -3.00 11.36
CA ASP A 125 -11.60 -2.90 11.57
C ASP A 125 -12.30 -2.16 10.43
N CYS A 126 -13.01 -2.91 9.61
CA CYS A 126 -13.69 -2.36 8.43
C CYS A 126 -15.22 -2.23 8.56
N GLY A 127 -15.67 -1.86 9.76
CA GLY A 127 -17.07 -1.52 9.99
C GLY A 127 -17.96 -2.54 10.68
N SER A 128 -17.71 -3.82 10.47
CA SER A 128 -18.57 -4.85 11.06
C SER A 128 -17.75 -6.07 11.39
N GLN A 129 -18.27 -6.88 12.31
CA GLN A 129 -17.58 -8.08 12.77
C GLN A 129 -17.05 -8.94 11.60
N ASP A 130 -17.87 -9.09 10.57
CA ASP A 130 -17.50 -9.88 9.40
C ASP A 130 -16.27 -9.35 8.66
N TYR A 131 -16.05 -8.05 8.74
CA TYR A 131 -14.92 -7.42 8.08
C TYR A 131 -13.97 -6.85 9.12
N LYS A 132 -13.74 -7.64 10.17
CA LYS A 132 -12.71 -7.36 11.18
C LYS A 132 -11.65 -8.47 11.12
N TYR A 133 -10.43 -8.10 10.74
CA TYR A 133 -9.37 -9.10 10.49
C TYR A 133 -8.28 -9.04 11.55
N ASP A 134 -8.18 -10.11 12.34
CA ASP A 134 -7.14 -10.19 13.37
C ASP A 134 -6.03 -11.14 12.93
N VAL A 135 -5.07 -11.37 13.82
CA VAL A 135 -3.92 -12.22 13.55
C VAL A 135 -4.33 -13.62 13.07
N THR A 136 -5.31 -14.24 13.72
CA THR A 136 -5.68 -15.61 13.36
C THR A 136 -6.23 -15.67 11.94
N ASP A 137 -6.97 -14.63 11.54
CA ASP A 137 -7.52 -14.51 10.17
C ASP A 137 -6.41 -14.44 9.12
N VAL A 138 -5.40 -13.60 9.38
CA VAL A 138 -4.24 -13.55 8.48
C VAL A 138 -3.50 -14.90 8.39
N SER A 139 -3.50 -15.69 9.48
CA SER A 139 -2.89 -17.03 9.44
C SER A 139 -3.77 -18.03 8.70
N LYS A 140 -5.09 -17.85 8.75
CA LYS A 140 -6.04 -18.63 7.96
C LYS A 140 -6.05 -18.24 6.46
N ALA A 141 -5.25 -17.25 6.08
CA ALA A 141 -4.96 -17.02 4.67
C ALA A 141 -3.72 -17.81 4.24
N GLY A 142 -3.00 -18.37 5.22
CA GLY A 142 -1.85 -19.24 4.96
C GLY A 142 -0.50 -18.67 5.35
N HIS A 143 -0.52 -17.48 5.96
CA HIS A 143 0.71 -16.78 6.31
C HIS A 143 1.18 -17.08 7.74
N THR A 144 2.49 -16.97 7.96
CA THR A 144 3.09 -17.29 9.26
C THR A 144 3.43 -16.08 10.12
N LEU A 145 3.79 -16.36 11.37
CA LEU A 145 4.18 -15.32 12.32
C LEU A 145 5.44 -14.58 11.88
N GLU A 146 6.22 -15.16 10.97
CA GLU A 146 7.40 -14.48 10.45
C GLU A 146 7.05 -13.25 9.60
N LEU A 147 5.84 -13.24 9.04
CA LEU A 147 5.33 -12.09 8.33
C LEU A 147 4.44 -11.27 9.25
N ILE A 148 3.60 -11.97 10.00
CA ILE A 148 2.55 -11.35 10.80
C ILE A 148 3.13 -10.48 11.92
N GLU A 149 4.19 -10.97 12.57
CA GLU A 149 4.86 -10.28 13.67
C GLU A 149 5.40 -8.90 13.23
N PRO A 150 6.22 -8.88 12.16
CA PRO A 150 6.68 -7.56 11.69
C PRO A 150 5.57 -6.68 11.10
N LEU A 151 4.55 -7.29 10.51
CA LEU A 151 3.43 -6.53 9.97
C LEU A 151 2.69 -5.73 11.05
N ILE A 152 2.34 -6.38 12.16
CA ILE A 152 1.72 -5.70 13.29
C ILE A 152 2.64 -4.63 13.91
N LYS A 153 3.92 -4.96 14.07
CA LYS A 153 4.91 -4.03 14.57
C LYS A 153 4.89 -2.75 13.72
N PHE A 154 4.90 -2.94 12.40
CA PHE A 154 4.87 -1.86 11.42
C PHE A 154 3.63 -0.99 11.57
N GLN A 155 2.49 -1.65 11.76
CA GLN A 155 1.21 -0.98 11.91
C GLN A 155 1.12 -0.17 13.21
N VAL A 156 1.70 -0.71 14.29
CA VAL A 156 1.82 0.03 15.56
C VAL A 156 2.76 1.25 15.38
N GLY A 157 3.89 1.01 14.73
CA GLY A 157 4.85 2.09 14.49
C GLY A 157 4.23 3.23 13.69
N LEU A 158 3.66 2.87 12.54
CA LEU A 158 2.95 3.81 11.68
C LEU A 158 1.76 4.52 12.36
N LYS A 159 1.01 3.81 13.20
CA LYS A 159 -0.18 4.41 13.84
C LYS A 159 0.22 5.44 14.89
N LYS A 160 1.32 5.17 15.59
CA LYS A 160 1.89 6.06 16.60
C LYS A 160 2.56 7.31 16.03
N LEU A 161 2.77 7.38 14.72
CA LEU A 161 3.31 8.59 14.11
C LEU A 161 2.21 9.67 13.99
N ASN A 162 0.95 9.28 14.22
CA ASN A 162 -0.19 10.18 14.03
C ASN A 162 0.04 11.07 12.81
N LEU A 163 0.03 10.47 11.62
CA LEU A 163 0.25 11.25 10.41
C LEU A 163 -0.97 12.08 10.05
N HIS A 164 -0.73 13.30 9.58
CA HIS A 164 -1.75 14.07 8.89
C HIS A 164 -2.09 13.31 7.59
N GLU A 165 -3.33 13.41 7.13
CA GLU A 165 -3.69 12.73 5.89
C GLU A 165 -2.79 13.17 4.71
N GLU A 166 -2.37 14.44 4.72
CA GLU A 166 -1.40 14.98 3.78
C GLU A 166 -0.10 14.15 3.73
N GLU A 167 0.40 13.79 4.92
CA GLU A 167 1.60 12.99 5.07
C GLU A 167 1.37 11.54 4.64
N HIS A 168 0.17 11.03 4.93
CA HIS A 168 -0.22 9.66 4.60
C HIS A 168 -0.29 9.44 3.08
N VAL A 169 -0.91 10.37 2.35
CA VAL A 169 -1.00 10.25 0.87
C VAL A 169 0.34 10.51 0.17
N LEU A 170 1.18 11.39 0.73
CA LEU A 170 2.54 11.62 0.21
C LEU A 170 3.45 10.40 0.38
N LEU A 171 3.34 9.72 1.52
CA LEU A 171 4.15 8.52 1.79
C LEU A 171 3.78 7.39 0.85
N MET A 172 2.48 7.20 0.61
CA MET A 172 2.01 6.22 -0.37
C MET A 172 2.56 6.54 -1.77
N ALA A 173 2.55 7.82 -2.14
CA ALA A 173 3.07 8.28 -3.44
C ALA A 173 4.58 8.07 -3.56
N ILE A 174 5.32 8.48 -2.54
CA ILE A 174 6.77 8.29 -2.55
C ILE A 174 7.12 6.79 -2.62
N CYS A 175 6.36 5.97 -1.89
CA CYS A 175 6.50 4.52 -1.96
C CYS A 175 6.43 4.02 -3.40
N ILE A 176 5.33 4.32 -4.10
CA ILE A 176 5.11 3.97 -5.51
C ILE A 176 6.22 4.42 -6.49
N VAL A 177 6.54 5.70 -6.49
CA VAL A 177 7.52 6.25 -7.43
C VAL A 177 8.95 6.13 -6.90
N SER A 178 9.37 4.89 -6.65
CA SER A 178 10.73 4.58 -6.20
C SER A 178 11.65 4.26 -7.38
N PRO A 179 12.70 5.09 -7.59
CA PRO A 179 13.66 4.83 -8.66
C PRO A 179 14.50 3.55 -8.46
N ASP A 180 14.62 3.10 -7.22
CA ASP A 180 15.49 1.97 -6.90
C ASP A 180 14.78 0.61 -6.92
N ARG A 181 13.84 0.43 -7.84
CA ARG A 181 13.15 -0.85 -7.98
C ARG A 181 13.77 -1.66 -9.09
N PRO A 182 13.96 -2.97 -8.84
CA PRO A 182 14.54 -3.84 -9.87
C PRO A 182 13.67 -3.86 -11.13
N GLY A 183 14.27 -3.58 -12.28
CA GLY A 183 13.56 -3.55 -13.56
C GLY A 183 13.30 -2.16 -14.13
N VAL A 184 13.43 -1.12 -13.30
CA VAL A 184 13.19 0.27 -13.71
C VAL A 184 14.19 0.69 -14.79
N GLN A 185 13.67 1.12 -15.95
CA GLN A 185 14.50 1.57 -17.09
C GLN A 185 14.86 3.07 -17.05
N ASP A 186 13.87 3.94 -16.86
CA ASP A 186 14.09 5.39 -16.75
C ASP A 186 14.14 5.88 -15.31
N ALA A 187 15.16 5.45 -14.58
CA ALA A 187 15.32 5.79 -13.17
C ALA A 187 15.50 7.29 -12.89
N LYS A 188 16.11 8.04 -13.82
CA LYS A 188 16.28 9.48 -13.61
C LYS A 188 14.94 10.22 -13.62
N LEU A 189 14.04 9.77 -14.49
CA LEU A 189 12.69 10.30 -14.57
C LEU A 189 11.87 9.95 -13.34
N VAL A 190 11.89 8.68 -12.95
CA VAL A 190 11.25 8.24 -11.71
C VAL A 190 11.77 9.05 -10.51
N GLU A 191 13.08 9.26 -10.47
CA GLU A 191 13.71 10.04 -9.40
C GLU A 191 13.26 11.51 -9.36
N ALA A 192 13.18 12.15 -10.53
CA ALA A 192 12.64 13.50 -10.68
C ALA A 192 11.25 13.65 -10.04
N ILE A 193 10.38 12.67 -10.26
CA ILE A 193 9.05 12.67 -9.66
C ILE A 193 9.13 12.44 -8.15
N GLN A 194 9.88 11.44 -7.72
CA GLN A 194 10.03 11.18 -6.30
C GLN A 194 10.52 12.38 -5.50
N ASP A 195 11.53 13.09 -6.04
CA ASP A 195 12.11 14.26 -5.36
C ASP A 195 11.14 15.43 -5.15
N ARG A 196 10.41 15.80 -6.20
CA ARG A 196 9.32 16.77 -6.06
C ARG A 196 8.39 16.31 -4.93
N LEU A 197 8.06 15.02 -4.91
CA LEU A 197 7.20 14.45 -3.86
C LEU A 197 7.82 14.52 -2.48
N SER A 198 9.11 14.16 -2.41
CA SER A 198 9.87 14.23 -1.14
C SER A 198 10.01 15.64 -0.59
N ASN A 199 10.37 16.62 -1.43
CA ASN A 199 10.53 18.01 -0.97
C ASN A 199 9.22 18.62 -0.51
N THR A 200 8.14 18.27 -1.19
CA THR A 200 6.78 18.60 -0.79
C THR A 200 6.49 18.11 0.62
N LEU A 201 6.82 16.84 0.89
CA LEU A 201 6.56 16.23 2.21
C LEU A 201 7.36 16.95 3.27
N GLN A 202 8.64 17.13 2.98
CA GLN A 202 9.55 17.82 3.86
C GLN A 202 9.11 19.23 4.20
N THR A 203 8.65 19.98 3.19
CA THR A 203 8.21 21.36 3.40
C THR A 203 6.88 21.40 4.16
N TYR A 204 6.03 20.40 3.94
CA TYR A 204 4.76 20.30 4.66
C TYR A 204 5.03 20.14 6.15
N ILE A 205 5.93 19.23 6.48
CA ILE A 205 6.27 18.95 7.86
C ILE A 205 6.71 20.23 8.56
N ARG A 206 7.70 20.92 7.99
CA ARG A 206 8.29 22.11 8.62
C ARG A 206 7.28 23.22 8.94
N CYS A 207 6.43 23.55 7.96
CA CYS A 207 5.59 24.73 8.06
C CYS A 207 4.14 24.43 8.45
N ARG A 208 3.73 23.17 8.35
CA ARG A 208 2.34 22.81 8.62
C ARG A 208 2.15 21.76 9.71
N HIS A 209 3.15 20.93 9.96
CA HIS A 209 3.06 19.97 11.05
C HIS A 209 3.69 20.57 12.32
N PRO A 210 2.87 20.81 13.37
CA PRO A 210 3.33 21.43 14.60
C PRO A 210 4.27 20.52 15.38
N PRO A 211 5.17 21.10 16.19
CA PRO A 211 6.03 20.26 17.03
C PRO A 211 5.28 19.73 18.27
N PRO A 212 5.78 18.64 18.89
CA PRO A 212 6.90 17.81 18.45
C PRO A 212 6.48 16.66 17.52
N GLY A 213 5.28 16.74 16.95
CA GLY A 213 4.91 15.84 15.86
C GLY A 213 5.91 15.91 14.72
N SER A 214 6.40 17.12 14.43
CA SER A 214 7.39 17.36 13.38
C SER A 214 8.79 16.85 13.72
N HIS A 215 9.04 16.61 15.02
CA HIS A 215 10.36 16.19 15.51
C HIS A 215 10.80 14.82 14.97
N GLN A 216 11.74 14.85 14.03
CA GLN A 216 12.28 13.64 13.40
C GLN A 216 11.25 12.85 12.59
N LEU A 217 10.18 13.53 12.18
CA LEU A 217 9.08 12.85 11.50
C LEU A 217 9.52 12.29 10.14
N TYR A 218 10.20 13.11 9.35
CA TYR A 218 10.61 12.74 8.01
C TYR A 218 11.51 11.50 7.98
N ALA A 219 12.51 11.47 8.86
CA ALA A 219 13.44 10.33 8.91
C ALA A 219 12.73 9.04 9.33
N LYS A 220 11.86 9.16 10.34
CA LYS A 220 11.02 8.03 10.77
C LYS A 220 10.15 7.51 9.62
N MET A 221 9.60 8.44 8.82
CA MET A 221 8.77 8.08 7.66
C MET A 221 9.58 7.32 6.60
N ILE A 222 10.76 7.85 6.25
CA ILE A 222 11.73 7.20 5.38
C ILE A 222 12.10 5.80 5.89
N GLN A 223 12.26 5.69 7.21
CA GLN A 223 12.54 4.41 7.85
C GLN A 223 11.40 3.41 7.65
N LYS A 224 10.16 3.90 7.69
CA LYS A 224 9.02 3.03 7.39
C LYS A 224 9.10 2.39 5.99
N LEU A 225 9.53 3.17 5.00
CA LEU A 225 9.72 2.68 3.63
C LEU A 225 10.71 1.53 3.55
N ALA A 226 11.76 1.59 4.36
CA ALA A 226 12.72 0.48 4.47
C ALA A 226 12.04 -0.76 5.06
N ASP A 227 11.28 -0.58 6.15
CA ASP A 227 10.51 -1.67 6.75
C ASP A 227 9.64 -2.39 5.72
N LEU A 228 8.91 -1.62 4.94
CA LEU A 228 8.07 -2.14 3.86
C LEU A 228 8.83 -3.01 2.87
N ARG A 229 10.04 -2.57 2.46
CA ARG A 229 10.93 -3.34 1.59
C ARG A 229 11.12 -4.73 2.19
N SER A 230 11.53 -4.77 3.45
CA SER A 230 11.68 -6.01 4.22
C SER A 230 10.38 -6.82 4.33
N LEU A 231 9.28 -6.16 4.69
CA LEU A 231 7.96 -6.79 4.73
C LEU A 231 7.57 -7.40 3.38
N ASN A 232 7.88 -6.66 2.31
CA ASN A 232 7.67 -7.09 0.91
C ASN A 232 8.40 -8.41 0.61
N GLU A 233 9.70 -8.49 0.91
CA GLU A 233 10.49 -9.72 0.69
C GLU A 233 9.93 -10.94 1.44
N GLU A 234 9.41 -10.69 2.65
CA GLU A 234 8.73 -11.73 3.41
C GLU A 234 7.33 -12.08 2.86
N HIS A 235 6.62 -11.11 2.30
CA HIS A 235 5.38 -11.42 1.59
C HIS A 235 5.63 -12.25 0.33
N SER A 236 6.69 -11.89 -0.40
CA SER A 236 7.03 -12.55 -1.66
C SER A 236 7.39 -14.03 -1.46
N LYS A 237 8.16 -14.29 -0.42
CA LYS A 237 8.61 -15.63 -0.03
C LYS A 237 7.41 -16.53 0.32
N GLN A 238 6.53 -16.03 1.17
CA GLN A 238 5.34 -16.76 1.59
C GLN A 238 4.28 -16.87 0.49
N TYR A 239 4.21 -15.87 -0.38
CA TYR A 239 3.32 -15.93 -1.54
C TYR A 239 3.76 -16.97 -2.56
N ARG A 240 5.08 -17.08 -2.78
CA ARG A 240 5.62 -18.06 -3.73
C ARG A 240 5.38 -19.48 -3.23
N SER A 241 5.77 -19.73 -1.98
CA SER A 241 5.58 -21.01 -1.31
C SER A 241 4.12 -21.51 -1.30
N LEU A 242 3.18 -20.61 -1.03
CA LEU A 242 1.74 -20.93 -1.00
C LEU A 242 1.11 -21.12 -2.38
N SER A 243 1.37 -20.19 -3.29
CA SER A 243 0.77 -20.23 -4.62
C SER A 243 1.47 -21.18 -5.58
N PHE A 244 2.49 -21.89 -5.08
CA PHE A 244 3.06 -23.02 -5.82
C PHE A 244 2.07 -24.18 -5.81
N GLN A 245 1.35 -24.33 -4.70
CA GLN A 245 0.23 -25.29 -4.59
C GLN A 245 -0.92 -24.84 -5.50
N PRO A 246 -1.11 -25.56 -6.63
CA PRO A 246 -2.03 -25.09 -7.66
C PRO A 246 -3.45 -24.91 -7.15
N GLU A 247 -3.84 -25.75 -6.19
CA GLU A 247 -5.12 -25.63 -5.47
C GLU A 247 -5.28 -24.26 -4.80
N ASN A 248 -4.16 -23.66 -4.39
CA ASN A 248 -4.18 -22.33 -3.76
C ASN A 248 -4.22 -21.22 -4.80
N SER A 249 -3.45 -21.38 -5.87
CA SER A 249 -3.47 -20.44 -6.99
C SER A 249 -4.86 -20.32 -7.62
N MET A 250 -5.59 -21.43 -7.67
CA MET A 250 -6.96 -21.46 -8.17
C MET A 250 -7.87 -20.51 -7.39
N LYS A 251 -7.61 -20.35 -6.10
CA LYS A 251 -8.44 -19.56 -5.21
C LYS A 251 -8.12 -18.08 -5.33
N LEU A 252 -7.08 -17.75 -6.10
CA LEU A 252 -6.67 -16.36 -6.30
C LEU A 252 -7.50 -15.68 -7.41
N THR A 253 -7.21 -14.41 -7.65
CA THR A 253 -7.86 -13.67 -8.72
C THR A 253 -6.83 -13.49 -9.86
N PRO A 254 -7.31 -13.24 -11.09
CA PRO A 254 -6.42 -13.03 -12.24
C PRO A 254 -5.46 -11.86 -12.06
N LEU A 255 -5.94 -10.77 -11.47
CA LEU A 255 -5.12 -9.58 -11.20
C LEU A 255 -4.03 -9.84 -10.14
N VAL A 256 -4.38 -10.56 -9.07
CA VAL A 256 -3.39 -10.97 -8.07
C VAL A 256 -2.27 -11.77 -8.73
N LEU A 257 -2.64 -12.79 -9.51
CA LEU A 257 -1.65 -13.63 -10.18
C LEU A 257 -0.79 -12.80 -11.12
N GLU A 258 -1.41 -11.82 -11.78
CA GLU A 258 -0.70 -10.95 -12.69
C GLU A 258 0.25 -10.00 -11.96
N VAL A 259 -0.19 -9.47 -10.81
CA VAL A 259 0.63 -8.50 -10.07
C VAL A 259 1.69 -9.14 -9.16
N PHE A 260 1.33 -10.23 -8.49
CA PHE A 260 2.23 -10.91 -7.55
C PHE A 260 2.93 -12.11 -8.16
N GLY A 261 2.16 -12.93 -8.89
CA GLY A 261 2.57 -14.29 -9.30
C GLY A 261 3.03 -14.37 -10.74
N ASN A 262 3.79 -13.34 -11.16
CA ASN A 262 4.19 -13.17 -12.56
C ASN A 262 5.71 -13.06 -12.69
N GLU A 263 6.27 -13.76 -13.67
CA GLU A 263 7.71 -13.73 -13.93
C GLU A 263 8.48 -14.70 -13.01
N PRO B 4 -1.43 -8.57 -19.51
CA PRO B 4 -1.60 -7.43 -18.61
C PRO B 4 -2.98 -6.77 -18.64
N MET B 5 -3.71 -6.95 -17.53
CA MET B 5 -4.93 -6.22 -17.19
C MET B 5 -4.54 -5.00 -16.36
N LEU B 6 -3.28 -5.01 -15.93
CA LEU B 6 -2.66 -3.89 -15.24
C LEU B 6 -2.49 -2.77 -16.25
N MET B 7 -2.04 -3.12 -17.45
CA MET B 7 -1.86 -2.18 -18.56
C MET B 7 -3.17 -1.51 -18.97
N ASN B 8 -4.26 -2.27 -18.87
CA ASN B 8 -5.59 -1.75 -19.19
C ASN B 8 -6.25 -0.96 -18.07
N LEU B 9 -5.83 -1.19 -16.83
CA LEU B 9 -6.22 -0.34 -15.71
C LEU B 9 -5.44 0.98 -15.74
N LEU B 10 -4.53 1.11 -16.71
CA LEU B 10 -3.77 2.34 -16.93
C LEU B 10 -4.15 3.02 -18.26
O21 TEJ C . -1.31 -12.00 -1.14
C17 TEJ C . -1.77 -11.94 -0.01
C18 TEJ C . -2.86 -12.57 0.46
C20 TEJ C . -3.68 -13.38 -0.22
C19 TEJ C . -3.07 -12.25 1.91
C15 TEJ C . -1.85 -11.37 2.24
O16 TEJ C . -1.14 -11.10 1.00
C12 TEJ C . -2.34 -10.09 2.89
C10 TEJ C . -1.47 -9.53 4.02
C11 TEJ C . -0.97 -10.55 5.04
C7 TEJ C . -2.08 -8.34 4.80
C8 TEJ C . -1.51 -7.00 4.30
C9 TEJ C . -2.51 -5.94 4.80
C5 TEJ C . -3.52 -6.76 5.60
C6 TEJ C . -3.60 -8.13 4.93
C22 TEJ C . -4.36 -8.07 3.58
C4 TEJ C . -4.90 -6.21 5.79
C3 TEJ C . -5.81 -7.06 6.68
C2 TEJ C . -5.75 -8.55 6.26
C1 TEJ C . -4.36 -9.10 5.84
C23 TEJ C . -5.29 -5.07 5.17
C24 TEJ C . -6.64 -4.48 5.31
C25 TEJ C . -7.27 -3.74 4.38
C26 TEJ C . -8.63 -3.20 4.69
C27 TEJ C . -8.71 -1.71 4.35
O34 TEJ C . -7.90 -0.94 5.25
C73 TEJ C . -8.20 -1.40 2.94
C29 TEJ C . -6.81 -1.94 2.65
O32 TEJ C . -6.58 -1.79 1.25
C30 TEJ C . -6.71 -3.38 3.07
C31 TEJ C . -6.19 -4.29 2.26
#